data_2BGZ
#
_entry.id   2BGZ
#
_cell.length_a   1.000
_cell.length_b   1.000
_cell.length_c   1.000
_cell.angle_alpha   90.00
_cell.angle_beta   90.00
_cell.angle_gamma   90.00
#
_symmetry.space_group_name_H-M   'P 1'
#
_entity_poly.entity_id   1
_entity_poly.type   'polypeptide(L)'
_entity_poly.pdbx_seq_one_letter_code
;GLDVAISQNGFFRLVDSNGSVFYSRNGQFKLDENRNLVNMQGMQLTGYPATGTPPTIQQGANPAPITIPNTLMAAKSTTT
ASMQINLNSTDPVPSKTPFSVSDADSYNKKGTVTVYDSQGNAHDMNVYFVKTKDNEWAVYTHDSSDPAATAPTTASTTLK
FNENGILESGGTVNITTGTINGATAATFSLSFLNSMQQNTGANNIVATNQNGYKPGDLVSYQINNDGTVVGNYSNEQEQV
LGQIVLANFANNEGLASQGDNVWAATQASGVALLGTAGSGNFGKLTNGALEASNVDLSK
;
_entity_poly.pdbx_strand_id   A
#
# COMPACT_ATOMS: atom_id res chain seq x y z
N GLY A 1 18.00 8.80 -9.76
CA GLY A 1 18.45 10.23 -9.82
C GLY A 1 17.30 11.22 -9.72
N LEU A 2 17.21 11.90 -8.57
CA LEU A 2 16.15 12.86 -8.30
C LEU A 2 16.62 14.27 -8.68
N ASP A 3 15.68 15.12 -9.05
CA ASP A 3 15.98 16.51 -9.38
C ASP A 3 14.94 17.40 -8.75
N VAL A 4 15.35 18.13 -7.73
CA VAL A 4 14.52 19.13 -7.09
C VAL A 4 15.37 20.40 -6.86
N ALA A 5 15.98 20.95 -7.90
CA ALA A 5 16.76 22.21 -7.71
C ALA A 5 15.86 23.43 -7.44
N ILE A 6 16.45 24.47 -6.82
CA ILE A 6 15.68 25.62 -6.29
C ILE A 6 16.01 26.94 -7.03
N SER A 7 15.04 27.48 -7.78
CA SER A 7 15.17 28.82 -8.43
C SER A 7 14.86 29.95 -7.44
N GLN A 8 14.37 29.57 -6.28
CA GLN A 8 13.98 30.47 -5.20
C GLN A 8 15.10 30.65 -4.17
N ASN A 9 14.78 31.43 -3.15
CA ASN A 9 15.56 31.48 -1.91
C ASN A 9 15.21 30.35 -0.89
N GLY A 10 16.21 30.05 -0.12
CA GLY A 10 16.27 28.85 0.64
C GLY A 10 17.41 28.08 0.04
N PHE A 11 18.06 27.32 0.92
CA PHE A 11 19.12 26.39 0.53
C PHE A 11 18.75 25.04 1.08
N PHE A 12 19.11 23.98 0.37
CA PHE A 12 19.13 22.66 1.02
C PHE A 12 20.28 22.64 2.01
N ARG A 13 20.14 21.84 3.06
CA ARG A 13 21.12 21.73 4.15
C ARG A 13 21.72 20.34 4.07
N LEU A 14 23.03 20.27 3.85
CA LEU A 14 23.75 19.03 3.65
C LEU A 14 24.82 18.83 4.73
N VAL A 15 25.21 17.58 4.96
CA VAL A 15 26.36 17.27 5.80
C VAL A 15 27.33 16.35 5.09
N ASP A 16 28.62 16.53 5.34
CA ASP A 16 29.61 15.53 4.93
C ASP A 16 29.66 14.38 5.95
N SER A 17 30.45 13.35 5.69
CA SER A 17 30.41 12.16 6.55
C SER A 17 31.01 12.44 7.94
N ASN A 18 31.69 13.57 8.10
CA ASN A 18 32.14 14.03 9.43
C ASN A 18 31.14 14.91 10.19
N GLY A 19 29.99 15.24 9.59
CA GLY A 19 28.96 16.03 10.24
C GLY A 19 29.06 17.54 10.03
N SER A 20 30.05 17.97 9.26
CA SER A 20 30.14 19.40 8.94
C SER A 20 28.99 19.76 8.00
N VAL A 21 28.43 20.94 8.21
CA VAL A 21 27.19 21.34 7.57
C VAL A 21 27.46 22.33 6.46
N PHE A 22 26.81 22.10 5.32
CA PHE A 22 26.91 22.90 4.12
C PHE A 22 25.52 23.17 3.54
N TYR A 23 25.46 24.05 2.56
CA TYR A 23 24.19 24.55 2.03
C TYR A 23 24.33 24.66 0.51
N SER A 24 23.25 24.35 -0.22
CA SER A 24 23.25 24.45 -1.68
C SER A 24 21.85 24.48 -2.22
N ARG A 25 21.65 25.24 -3.30
CA ARG A 25 20.42 25.23 -4.07
C ARG A 25 20.36 24.12 -5.13
N ASN A 26 21.50 23.49 -5.45
CA ASN A 26 21.52 22.35 -6.36
C ASN A 26 20.64 21.25 -5.80
N GLY A 27 19.70 20.75 -6.59
CA GLY A 27 18.84 19.70 -6.12
C GLY A 27 18.99 18.38 -6.84
N GLN A 28 20.21 18.03 -7.22
CA GLN A 28 20.47 16.75 -7.90
C GLN A 28 20.95 15.72 -6.88
N PHE A 29 20.09 14.73 -6.60
CA PHE A 29 20.38 13.74 -5.59
C PHE A 29 20.27 12.35 -6.17
N LYS A 30 21.12 11.47 -5.68
CA LYS A 30 21.06 10.04 -5.93
C LYS A 30 20.89 9.31 -4.60
N LEU A 31 20.15 8.20 -4.60
CA LEU A 31 20.02 7.36 -3.42
C LEU A 31 21.17 6.37 -3.38
N ASP A 32 22.09 6.54 -2.45
CA ASP A 32 23.28 5.68 -2.39
C ASP A 32 23.07 4.38 -1.58
N GLU A 33 24.13 3.59 -1.39
CA GLU A 33 23.98 2.28 -0.75
C GLU A 33 23.66 2.39 0.73
N ASN A 34 24.08 3.50 1.34
CA ASN A 34 23.82 3.84 2.72
C ASN A 34 22.37 4.32 2.88
N ARG A 35 21.64 4.45 1.76
CA ARG A 35 20.22 4.87 1.72
C ARG A 35 20.01 6.35 2.08
N ASN A 36 21.06 7.14 1.89
CA ASN A 36 21.01 8.60 1.94
C ASN A 36 20.80 9.17 0.54
N LEU A 37 20.31 10.41 0.47
CA LEU A 37 20.23 11.21 -0.75
C LEU A 37 21.44 12.10 -0.81
N VAL A 38 22.29 11.85 -1.79
CA VAL A 38 23.58 12.54 -1.83
C VAL A 38 23.74 13.38 -3.09
N ASN A 39 24.49 14.48 -2.96
CA ASN A 39 24.88 15.26 -4.10
C ASN A 39 26.12 14.63 -4.77
N MET A 40 26.66 15.30 -5.79
CA MET A 40 27.71 14.69 -6.60
C MET A 40 29.03 14.54 -5.82
N GLN A 41 29.21 15.33 -4.76
CA GLN A 41 30.34 15.19 -3.83
C GLN A 41 30.13 14.21 -2.66
N GLY A 42 28.96 13.57 -2.63
CA GLY A 42 28.64 12.61 -1.60
C GLY A 42 28.12 13.19 -0.30
N MET A 43 27.83 14.49 -0.27
CA MET A 43 27.24 15.09 0.92
C MET A 43 25.80 14.67 1.00
N GLN A 44 25.31 14.54 2.22
CA GLN A 44 24.03 13.95 2.53
C GLN A 44 22.99 15.03 2.78
N LEU A 45 21.87 14.94 2.06
CA LEU A 45 20.76 15.85 2.30
C LEU A 45 20.17 15.58 3.67
N THR A 46 19.82 16.65 4.40
CA THR A 46 19.29 16.50 5.74
C THR A 46 17.88 17.03 5.87
N GLY A 47 17.24 16.59 6.93
CA GLY A 47 15.86 16.94 7.26
C GLY A 47 15.39 16.31 8.55
N TYR A 48 14.15 16.60 8.94
CA TYR A 48 13.60 16.02 10.14
C TYR A 48 13.29 14.56 9.93
N PRO A 49 13.66 13.72 10.89
CA PRO A 49 13.30 12.30 10.85
C PRO A 49 11.80 12.07 11.14
N ALA A 50 11.33 10.90 10.75
CA ALA A 50 10.01 10.47 11.08
C ALA A 50 10.12 9.57 12.28
N THR A 51 9.16 9.69 13.22
CA THR A 51 9.04 8.79 14.36
C THR A 51 7.60 8.35 14.64
N GLY A 52 7.47 7.27 15.43
CA GLY A 52 6.19 6.73 15.85
C GLY A 52 5.62 5.69 14.92
N THR A 53 4.45 5.17 15.29
CA THR A 53 3.65 4.31 14.42
C THR A 53 2.18 4.72 14.55
N PRO A 54 1.59 5.30 13.51
CA PRO A 54 2.27 5.49 12.23
C PRO A 54 3.38 6.55 12.30
N PRO A 55 4.43 6.42 11.50
CA PRO A 55 5.49 7.43 11.50
C PRO A 55 4.92 8.81 11.17
N THR A 56 5.38 9.87 11.84
CA THR A 56 5.01 11.27 11.55
C THR A 56 6.25 12.14 11.72
N ILE A 57 6.22 13.37 11.20
CA ILE A 57 7.22 14.43 11.43
C ILE A 57 6.81 15.44 12.53
N GLN A 58 7.55 15.44 13.62
CA GLN A 58 7.44 16.43 14.73
C GLN A 58 8.04 17.87 14.52
N GLN A 59 7.44 18.89 15.14
CA GLN A 59 8.07 20.23 15.14
C GLN A 59 9.36 20.31 16.02
N GLY A 60 9.60 19.35 16.93
CA GLY A 60 10.78 19.44 17.80
C GLY A 60 12.11 18.79 17.39
N ALA A 61 12.30 18.55 16.09
CA ALA A 61 13.29 17.59 15.63
C ALA A 61 14.59 18.21 15.16
N ASN A 62 15.68 17.50 15.38
CA ASN A 62 16.99 17.88 14.91
C ASN A 62 17.14 17.38 13.48
N PRO A 63 17.54 18.22 12.53
CA PRO A 63 17.83 17.70 11.20
C PRO A 63 18.96 16.70 11.23
N ALA A 64 18.77 15.66 10.41
CA ALA A 64 19.68 14.55 10.30
C ALA A 64 19.65 14.09 8.85
N PRO A 65 20.65 13.33 8.40
CA PRO A 65 20.63 12.76 7.04
C PRO A 65 19.31 12.05 6.76
N ILE A 66 18.70 12.41 5.65
CA ILE A 66 17.47 11.74 5.19
C ILE A 66 17.87 10.28 4.91
N THR A 67 17.08 9.34 5.38
CA THR A 67 17.19 7.96 4.90
C THR A 67 15.94 7.50 4.20
N ILE A 68 16.13 6.68 3.16
CA ILE A 68 15.03 6.00 2.49
C ILE A 68 15.28 4.50 2.58
N PRO A 69 14.97 3.90 3.72
CA PRO A 69 15.33 2.49 3.95
C PRO A 69 14.62 1.55 2.99
N ASN A 70 15.51 1.33 3.79
CA ASN A 70 15.36 0.46 2.63
C ASN A 70 14.95 -0.97 3.00
N THR A 71 14.78 -1.21 4.29
CA THR A 71 14.42 -2.56 4.78
C THR A 71 13.03 -2.98 4.26
N LEU A 72 12.91 -4.28 4.01
CA LEU A 72 11.67 -4.90 3.50
C LEU A 72 10.54 -4.77 4.51
N MET A 73 9.39 -5.22 4.11
CA MET A 73 8.26 -5.33 5.02
C MET A 73 7.84 -6.79 4.97
N ALA A 74 7.13 -7.21 5.97
CA ALA A 74 6.69 -8.60 6.11
C ALA A 74 5.57 -8.95 5.14
N ALA A 75 5.07 -10.16 5.34
CA ALA A 75 3.95 -10.69 4.57
C ALA A 75 2.67 -10.31 5.31
N LYS A 76 1.60 -10.68 4.71
CA LYS A 76 0.31 -10.25 5.15
C LYS A 76 -0.76 -11.31 4.88
N SER A 77 -1.15 -12.02 5.93
CA SER A 77 -2.21 -13.02 5.89
C SER A 77 -3.49 -12.27 5.61
N THR A 78 -4.32 -12.83 4.74
CA THR A 78 -5.59 -12.22 4.42
C THR A 78 -6.56 -12.32 5.57
N THR A 79 -7.18 -11.20 5.93
CA THR A 79 -8.28 -11.16 6.92
C THR A 79 -9.62 -10.65 6.41
N THR A 80 -9.63 -10.07 5.22
CA THR A 80 -10.91 -9.77 4.55
C THR A 80 -10.82 -10.16 3.09
N ALA A 81 -11.98 -10.53 2.56
CA ALA A 81 -12.13 -10.76 1.14
C ALA A 81 -13.56 -10.45 0.77
N SER A 82 -13.78 -10.16 -0.50
CA SER A 82 -15.13 -9.85 -0.99
C SER A 82 -15.34 -10.43 -2.39
N MET A 83 -16.59 -10.72 -2.70
CA MET A 83 -16.97 -11.20 -4.03
C MET A 83 -18.34 -10.60 -4.30
N GLN A 84 -18.45 -9.82 -5.36
CA GLN A 84 -19.74 -9.22 -5.74
C GLN A 84 -20.26 -9.98 -6.94
N ILE A 85 -21.42 -10.61 -6.82
CA ILE A 85 -21.94 -11.45 -7.88
C ILE A 85 -23.36 -11.01 -8.24
N ASN A 86 -23.67 -11.09 -9.53
CA ASN A 86 -25.03 -10.92 -10.04
C ASN A 86 -25.56 -12.32 -10.37
N LEU A 87 -26.62 -12.72 -9.68
CA LEU A 87 -27.20 -14.03 -9.85
C LEU A 87 -28.54 -13.93 -10.58
N ASN A 88 -28.83 -14.92 -11.40
CA ASN A 88 -29.98 -14.91 -12.29
C ASN A 88 -31.19 -15.56 -11.63
N SER A 89 -32.24 -14.78 -11.37
CA SER A 89 -33.41 -15.33 -10.69
C SER A 89 -34.09 -16.47 -11.46
N THR A 90 -33.93 -16.48 -12.78
CA THR A 90 -34.52 -17.54 -13.60
C THR A 90 -33.69 -18.81 -13.69
N ASP A 91 -32.54 -18.86 -13.02
CA ASP A 91 -31.70 -20.07 -13.03
C ASP A 91 -32.42 -21.30 -12.49
N PRO A 92 -32.05 -22.47 -12.99
CA PRO A 92 -32.64 -23.69 -12.46
C PRO A 92 -31.99 -24.08 -11.17
N VAL A 93 -32.73 -24.82 -10.35
CA VAL A 93 -32.15 -25.57 -9.25
C VAL A 93 -31.50 -26.80 -9.88
N PRO A 94 -30.18 -27.00 -9.72
CA PRO A 94 -29.53 -28.16 -10.34
C PRO A 94 -30.20 -29.47 -9.93
N SER A 95 -30.41 -30.35 -10.91
CA SER A 95 -31.05 -31.64 -10.64
C SER A 95 -30.01 -32.61 -10.13
N LYS A 96 -28.80 -32.53 -10.68
CA LYS A 96 -27.70 -33.37 -10.19
C LYS A 96 -27.35 -33.06 -8.74
N THR A 97 -27.52 -34.08 -7.89
CA THR A 97 -27.05 -34.05 -6.50
C THR A 97 -26.05 -35.20 -6.33
N PRO A 98 -25.23 -35.14 -5.28
CA PRO A 98 -25.13 -33.96 -4.41
C PRO A 98 -24.24 -32.89 -5.07
N PHE A 99 -24.09 -31.75 -4.41
CA PHE A 99 -23.08 -30.79 -4.85
C PHE A 99 -21.70 -31.45 -4.81
N SER A 100 -20.93 -31.27 -5.87
CA SER A 100 -19.54 -31.73 -5.91
C SER A 100 -18.72 -30.75 -6.72
N VAL A 101 -17.56 -30.36 -6.20
CA VAL A 101 -16.67 -29.47 -6.91
C VAL A 101 -16.26 -30.06 -8.28
N SER A 102 -16.35 -31.39 -8.44
CA SER A 102 -15.99 -32.07 -9.70
C SER A 102 -17.12 -32.25 -10.72
N ASP A 103 -18.37 -32.04 -10.32
CA ASP A 103 -19.56 -32.23 -11.20
C ASP A 103 -20.13 -30.87 -11.62
N ALA A 104 -19.85 -30.45 -12.85
CA ALA A 104 -20.11 -29.06 -13.29
C ALA A 104 -21.59 -28.75 -13.44
N ASP A 105 -22.43 -29.77 -13.44
CA ASP A 105 -23.86 -29.53 -13.46
C ASP A 105 -24.53 -29.71 -12.09
N SER A 106 -23.73 -29.72 -11.03
CA SER A 106 -24.25 -29.78 -9.66
C SER A 106 -24.25 -28.39 -9.00
N TYR A 107 -23.73 -27.37 -9.70
CA TYR A 107 -23.79 -26.00 -9.17
C TYR A 107 -24.11 -25.00 -10.27
N ASN A 108 -24.50 -23.78 -9.86
CA ASN A 108 -24.91 -22.74 -10.84
C ASN A 108 -23.80 -21.81 -11.28
N LYS A 109 -22.74 -21.65 -10.47
CA LYS A 109 -21.67 -20.73 -10.78
C LYS A 109 -20.49 -21.04 -9.87
N LYS A 110 -19.28 -20.85 -10.39
CA LYS A 110 -18.05 -20.98 -9.63
C LYS A 110 -17.22 -19.72 -9.81
N GLY A 111 -16.65 -19.22 -8.73
CA GLY A 111 -15.70 -18.13 -8.80
C GLY A 111 -14.48 -18.43 -7.96
N THR A 112 -13.46 -17.61 -8.09
CA THR A 112 -12.22 -17.79 -7.36
C THR A 112 -11.73 -16.52 -6.74
N VAL A 113 -11.13 -16.61 -5.55
CA VAL A 113 -10.38 -15.50 -4.99
C VAL A 113 -9.13 -16.10 -4.32
N THR A 114 -8.00 -15.54 -4.68
CA THR A 114 -6.70 -15.96 -4.15
C THR A 114 -6.40 -15.14 -2.91
N VAL A 115 -6.23 -15.82 -1.79
CA VAL A 115 -5.83 -15.23 -0.53
C VAL A 115 -4.43 -15.75 -0.15
N TYR A 116 -3.88 -15.18 0.90
CA TYR A 116 -2.52 -15.46 1.36
C TYR A 116 -2.55 -15.83 2.84
N ASP A 117 -1.63 -16.72 3.27
CA ASP A 117 -1.39 -16.97 4.69
C ASP A 117 -0.17 -16.13 5.19
N SER A 118 0.21 -16.26 6.46
CA SER A 118 1.30 -15.44 7.02
C SER A 118 2.67 -15.74 6.40
N GLN A 119 2.83 -16.91 5.83
CA GLN A 119 4.06 -17.22 5.14
C GLN A 119 4.07 -16.68 3.72
N GLY A 120 2.90 -16.25 3.25
CA GLY A 120 2.73 -15.72 1.91
C GLY A 120 2.38 -16.71 0.83
N ASN A 121 2.04 -17.95 1.19
CA ASN A 121 1.59 -18.93 0.23
C ASN A 121 0.24 -18.45 -0.30
N ALA A 122 0.00 -18.67 -1.58
CA ALA A 122 -1.30 -18.40 -2.18
C ALA A 122 -2.22 -19.58 -2.00
N HIS A 123 -3.45 -19.30 -1.56
CA HIS A 123 -4.50 -20.28 -1.54
C HIS A 123 -5.58 -19.83 -2.55
N ASP A 124 -5.82 -20.61 -3.59
CA ASP A 124 -6.89 -20.34 -4.52
C ASP A 124 -8.22 -20.88 -3.98
N MET A 125 -8.99 -19.97 -3.41
CA MET A 125 -10.28 -20.29 -2.80
C MET A 125 -11.38 -20.28 -3.86
N ASN A 126 -11.92 -21.46 -4.11
CA ASN A 126 -13.06 -21.64 -4.99
C ASN A 126 -14.39 -21.50 -4.22
N VAL A 127 -15.31 -20.76 -4.84
CA VAL A 127 -16.58 -20.39 -4.26
C VAL A 127 -17.66 -20.86 -5.22
N TYR A 128 -18.58 -21.69 -4.75
CA TYR A 128 -19.61 -22.29 -5.58
C TYR A 128 -20.98 -21.86 -5.09
N PHE A 129 -21.83 -21.47 -6.04
CA PHE A 129 -23.18 -21.01 -5.78
C PHE A 129 -24.16 -22.05 -6.29
N VAL A 130 -25.05 -22.52 -5.41
CA VAL A 130 -26.05 -23.52 -5.78
C VAL A 130 -27.42 -23.01 -5.37
N LYS A 131 -28.25 -22.72 -6.34
CA LYS A 131 -29.60 -22.27 -6.07
C LYS A 131 -30.34 -23.39 -5.38
N THR A 132 -30.92 -23.11 -4.22
CA THR A 132 -31.63 -24.15 -3.44
C THR A 132 -33.14 -24.10 -3.65
N LYS A 133 -33.64 -22.89 -3.85
CA LYS A 133 -35.05 -22.59 -4.08
C LYS A 133 -35.15 -21.11 -4.49
N ASP A 134 -36.36 -20.60 -4.71
CA ASP A 134 -36.54 -19.20 -5.07
C ASP A 134 -35.77 -18.29 -4.11
N ASN A 135 -34.94 -17.40 -4.67
CA ASN A 135 -34.27 -16.34 -3.93
C ASN A 135 -33.23 -16.80 -2.87
N GLU A 136 -32.84 -18.06 -2.88
CA GLU A 136 -31.83 -18.55 -1.92
C GLU A 136 -30.77 -19.36 -2.63
N TRP A 137 -29.52 -19.11 -2.26
CA TRP A 137 -28.37 -19.69 -2.94
C TRP A 137 -27.39 -20.13 -1.88
N ALA A 138 -27.13 -21.43 -1.82
CA ALA A 138 -26.10 -21.97 -0.95
C ALA A 138 -24.74 -21.71 -1.54
N VAL A 139 -23.79 -21.44 -0.65
CA VAL A 139 -22.43 -21.10 -1.03
C VAL A 139 -21.46 -22.04 -0.38
N TYR A 140 -20.69 -22.73 -1.20
CA TYR A 140 -19.66 -23.64 -0.73
C TYR A 140 -18.33 -23.02 -1.03
N THR A 141 -17.35 -23.27 -0.15
CA THR A 141 -15.98 -22.84 -0.35
C THR A 141 -15.01 -24.01 -0.20
N HIS A 142 -13.86 -23.87 -0.83
CA HIS A 142 -12.84 -24.93 -0.85
C HIS A 142 -11.51 -24.35 -1.21
N ASP A 143 -10.49 -24.73 -0.45
CA ASP A 143 -9.11 -24.32 -0.75
C ASP A 143 -8.55 -25.30 -1.77
N SER A 144 -8.49 -24.89 -3.03
CA SER A 144 -8.06 -25.75 -4.13
C SER A 144 -6.57 -25.96 -4.10
N SER A 145 -5.88 -25.22 -3.24
CA SER A 145 -4.43 -25.25 -3.18
C SER A 145 -3.94 -26.23 -2.10
N ASP A 146 -4.85 -26.86 -1.36
CA ASP A 146 -4.50 -27.81 -0.26
C ASP A 146 -5.04 -29.23 -0.53
N PRO A 147 -4.19 -30.16 -0.98
CA PRO A 147 -4.66 -31.53 -1.31
C PRO A 147 -5.27 -32.33 -0.16
N ALA A 148 -4.96 -31.97 1.08
CA ALA A 148 -5.56 -32.61 2.26
C ALA A 148 -6.91 -32.03 2.69
N ALA A 149 -7.39 -30.97 2.05
CA ALA A 149 -8.65 -30.36 2.46
C ALA A 149 -9.86 -31.24 2.12
N THR A 150 -10.77 -31.40 3.09
CA THR A 150 -11.98 -32.22 2.88
C THR A 150 -12.90 -31.53 1.88
N ALA A 151 -13.54 -32.34 1.03
CA ALA A 151 -14.46 -31.82 0.04
C ALA A 151 -15.66 -31.18 0.74
N PRO A 152 -16.10 -30.01 0.27
CA PRO A 152 -17.18 -29.30 0.94
C PRO A 152 -18.52 -30.01 0.75
N THR A 153 -19.10 -30.50 1.84
CA THR A 153 -20.42 -31.11 1.76
C THR A 153 -21.48 -30.27 2.45
N THR A 154 -21.07 -29.28 3.24
CA THR A 154 -21.97 -28.37 3.92
C THR A 154 -21.63 -26.94 3.50
N ALA A 155 -22.67 -26.13 3.29
CA ALA A 155 -22.49 -24.74 2.80
C ALA A 155 -21.87 -23.88 3.87
N SER A 156 -21.03 -22.95 3.45
CA SER A 156 -20.41 -21.97 4.31
C SER A 156 -21.39 -20.89 4.66
N THR A 157 -22.23 -20.52 3.70
CA THR A 157 -23.33 -19.62 3.98
C THR A 157 -24.44 -19.81 2.96
N THR A 158 -25.56 -19.16 3.22
CA THR A 158 -26.66 -19.14 2.26
C THR A 158 -27.06 -17.67 2.02
N LEU A 159 -27.01 -17.27 0.75
CA LEU A 159 -27.45 -15.94 0.35
C LEU A 159 -28.96 -15.94 0.14
N LYS A 160 -29.64 -15.03 0.82
CA LYS A 160 -31.09 -14.83 0.66
C LYS A 160 -31.33 -13.44 0.12
N PHE A 161 -32.08 -13.35 -0.96
CA PHE A 161 -32.37 -12.08 -1.58
C PHE A 161 -33.85 -11.79 -1.39
N ASN A 162 -34.17 -10.53 -1.22
CA ASN A 162 -35.56 -10.09 -1.14
C ASN A 162 -36.24 -9.97 -2.50
N GLU A 163 -37.51 -9.59 -2.51
CA GLU A 163 -38.30 -9.50 -3.75
C GLU A 163 -37.69 -8.59 -4.80
N ASN A 164 -36.95 -7.56 -4.36
CA ASN A 164 -36.27 -6.68 -5.30
C ASN A 164 -34.87 -7.15 -5.72
N GLY A 165 -34.43 -8.28 -5.20
CA GLY A 165 -33.16 -8.86 -5.61
C GLY A 165 -31.97 -8.30 -4.85
N ILE A 166 -32.26 -7.59 -3.75
CA ILE A 166 -31.25 -7.06 -2.85
C ILE A 166 -30.89 -8.09 -1.77
N LEU A 167 -29.60 -8.18 -1.45
CA LEU A 167 -29.11 -9.13 -0.47
C LEU A 167 -29.65 -8.77 0.90
N GLU A 168 -30.32 -9.72 1.54
CA GLU A 168 -31.05 -9.51 2.79
C GLU A 168 -30.35 -10.17 3.98
N SER A 169 -29.71 -11.31 3.74
CA SER A 169 -28.98 -12.06 4.76
C SER A 169 -27.95 -13.07 4.19
N GLY A 170 -27.01 -13.47 5.05
CA GLY A 170 -26.01 -14.49 4.74
C GLY A 170 -24.77 -13.96 4.04
N GLY A 171 -24.66 -12.64 3.95
CA GLY A 171 -23.65 -11.97 3.14
C GLY A 171 -22.24 -11.90 3.70
N THR A 172 -22.06 -12.34 4.95
CA THR A 172 -20.77 -12.26 5.61
C THR A 172 -20.51 -13.56 6.34
N VAL A 173 -19.34 -14.17 6.12
CA VAL A 173 -19.03 -15.47 6.68
C VAL A 173 -17.50 -15.56 6.89
N ASN A 174 -17.08 -16.07 8.04
CA ASN A 174 -15.67 -16.36 8.26
C ASN A 174 -15.27 -17.64 7.58
N ILE A 175 -14.15 -17.60 6.84
CA ILE A 175 -13.60 -18.76 6.15
C ILE A 175 -12.18 -19.03 6.70
N THR A 176 -11.86 -20.28 6.93
CA THR A 176 -10.49 -20.71 7.24
C THR A 176 -9.95 -21.53 6.08
N THR A 177 -8.80 -21.12 5.54
CA THR A 177 -8.17 -21.90 4.47
C THR A 177 -7.66 -23.24 4.99
N GLY A 178 -7.13 -24.03 4.05
CA GLY A 178 -6.28 -25.16 4.36
C GLY A 178 -4.88 -24.69 4.75
N THR A 179 -3.93 -25.63 4.75
CA THR A 179 -2.52 -25.35 5.04
C THR A 179 -1.65 -25.79 3.88
N ILE A 180 -0.54 -25.10 3.69
CA ILE A 180 0.39 -25.36 2.60
C ILE A 180 1.80 -25.46 3.16
N ASN A 181 2.54 -26.51 2.81
CA ASN A 181 3.97 -26.61 3.20
C ASN A 181 4.20 -26.24 4.68
N GLY A 182 3.37 -26.78 5.56
CA GLY A 182 3.54 -26.65 7.00
C GLY A 182 3.29 -25.27 7.58
N ALA A 183 2.63 -24.39 6.83
CA ALA A 183 2.35 -23.04 7.29
C ALA A 183 0.92 -22.94 7.76
N THR A 184 0.69 -22.02 8.69
CA THR A 184 -0.62 -21.85 9.32
C THR A 184 -1.62 -21.28 8.31
N ALA A 185 -2.90 -21.63 8.47
CA ALA A 185 -3.97 -21.21 7.57
C ALA A 185 -4.26 -19.71 7.69
N ALA A 186 -4.92 -19.14 6.68
CA ALA A 186 -5.49 -17.81 6.81
C ALA A 186 -6.95 -17.92 7.27
N THR A 187 -7.39 -16.97 8.09
CA THR A 187 -8.77 -16.86 8.52
C THR A 187 -9.27 -15.49 8.19
N PHE A 188 -10.33 -15.42 7.37
CA PHE A 188 -10.78 -14.12 6.84
C PHE A 188 -12.30 -14.05 6.75
N SER A 189 -12.82 -12.84 6.87
CA SER A 189 -14.23 -12.54 6.62
C SER A 189 -14.44 -12.38 5.12
N LEU A 190 -15.30 -13.21 4.55
CA LEU A 190 -15.73 -13.13 3.16
C LEU A 190 -17.08 -12.43 3.07
N SER A 191 -17.15 -11.38 2.28
CA SER A 191 -18.32 -10.50 2.18
C SER A 191 -18.86 -10.57 0.77
N PHE A 192 -20.17 -10.69 0.64
CA PHE A 192 -20.85 -10.71 -0.66
C PHE A 192 -21.62 -9.38 -0.88
N LEU A 193 -21.29 -8.38 -0.08
CA LEU A 193 -21.83 -7.02 -0.23
C LEU A 193 -21.98 -6.58 -1.67
N ASN A 194 -23.16 -6.05 -1.99
CA ASN A 194 -23.47 -5.48 -3.31
C ASN A 194 -23.82 -6.53 -4.36
N SER A 195 -23.78 -7.81 -3.97
CA SER A 195 -24.33 -8.89 -4.78
C SER A 195 -25.83 -8.71 -4.90
N MET A 196 -26.37 -9.11 -6.04
CA MET A 196 -27.77 -8.91 -6.34
C MET A 196 -28.31 -10.11 -7.12
N GLN A 197 -29.61 -10.33 -7.06
CA GLN A 197 -30.29 -11.27 -7.92
C GLN A 197 -31.06 -10.45 -8.94
N GLN A 198 -30.64 -10.57 -10.19
CA GLN A 198 -31.28 -9.90 -11.29
C GLN A 198 -32.54 -10.68 -11.69
N ASN A 199 -33.56 -9.97 -12.15
CA ASN A 199 -34.74 -10.64 -12.73
C ASN A 199 -34.34 -11.58 -13.87
N THR A 200 -33.43 -11.12 -14.72
CA THR A 200 -32.92 -11.93 -15.84
C THR A 200 -31.48 -11.56 -16.20
N GLY A 201 -30.65 -12.58 -16.38
CA GLY A 201 -29.28 -12.38 -16.82
C GLY A 201 -28.54 -13.67 -16.70
N ALA A 202 -27.22 -13.59 -16.81
CA ALA A 202 -26.38 -14.76 -16.57
C ALA A 202 -25.56 -14.51 -15.31
N ASN A 203 -25.39 -15.57 -14.53
CA ASN A 203 -24.58 -15.53 -13.34
C ASN A 203 -23.19 -15.02 -13.69
N ASN A 204 -22.76 -13.98 -12.98
CA ASN A 204 -21.54 -13.27 -13.33
C ASN A 204 -20.91 -12.54 -12.16
N ILE A 205 -19.62 -12.81 -11.92
CA ILE A 205 -18.89 -12.13 -10.87
C ILE A 205 -18.32 -10.83 -11.41
N VAL A 206 -18.71 -9.73 -10.78
CA VAL A 206 -18.37 -8.38 -11.21
C VAL A 206 -17.09 -7.90 -10.57
N ALA A 207 -16.80 -8.36 -9.35
CA ALA A 207 -15.64 -7.86 -8.61
C ALA A 207 -15.22 -8.84 -7.52
N THR A 208 -13.93 -8.95 -7.29
CA THR A 208 -13.43 -9.57 -6.06
C THR A 208 -12.33 -8.68 -5.47
N ASN A 209 -12.10 -8.81 -4.18
CA ASN A 209 -10.99 -8.18 -3.49
C ASN A 209 -10.59 -8.98 -2.26
N GLN A 210 -9.35 -8.75 -1.83
CA GLN A 210 -8.84 -9.28 -0.55
C GLN A 210 -7.61 -8.45 -0.14
N ASN A 211 -7.25 -8.49 1.14
CA ASN A 211 -6.29 -7.54 1.73
C ASN A 211 -4.92 -8.13 2.11
N GLY A 212 -4.65 -9.32 1.64
CA GLY A 212 -3.37 -10.00 1.91
C GLY A 212 -2.43 -9.90 0.73
N TYR A 213 -1.18 -10.27 0.96
CA TYR A 213 -0.18 -10.27 -0.10
C TYR A 213 1.09 -10.99 0.35
N LYS A 214 1.92 -11.28 -0.64
CA LYS A 214 3.19 -12.00 -0.45
C LYS A 214 4.32 -11.00 -0.16
N PRO A 215 5.36 -11.38 0.60
CA PRO A 215 6.46 -10.48 0.77
C PRO A 215 6.82 -10.18 -0.66
N GLY A 216 6.51 -8.97 -1.08
CA GLY A 216 6.64 -8.59 -2.50
C GLY A 216 7.22 -7.17 -2.70
N ASP A 217 8.08 -7.11 -3.71
CA ASP A 217 8.77 -5.86 -4.13
C ASP A 217 7.72 -4.80 -4.46
N LEU A 218 8.13 -3.52 -4.31
CA LEU A 218 7.16 -2.40 -4.49
C LEU A 218 7.33 -1.41 -5.66
N VAL A 219 7.48 -0.06 -5.31
CA VAL A 219 7.21 0.92 -6.38
C VAL A 219 7.89 2.34 -6.60
N SER A 220 7.57 3.42 -5.87
CA SER A 220 8.12 4.82 -6.21
C SER A 220 8.34 5.58 -4.90
N TYR A 221 8.99 6.72 -5.01
CA TYR A 221 9.12 7.66 -3.90
C TYR A 221 8.99 9.07 -4.45
N GLN A 222 8.68 10.01 -3.58
CA GLN A 222 8.39 11.33 -4.04
C GLN A 222 8.78 12.37 -3.01
N ILE A 223 9.05 13.55 -3.50
CA ILE A 223 9.23 14.74 -2.67
C ILE A 223 8.01 15.63 -2.96
N ASN A 224 7.24 15.87 -1.92
CA ASN A 224 6.08 16.78 -2.01
C ASN A 224 6.52 18.26 -1.94
N ASN A 225 5.60 19.18 -2.20
CA ASN A 225 6.00 20.60 -2.31
C ASN A 225 6.28 21.29 -0.96
N ASP A 226 6.02 20.60 0.14
CA ASP A 226 6.47 20.99 1.49
C ASP A 226 7.72 20.21 1.92
N GLY A 227 8.35 19.52 0.96
CA GLY A 227 9.58 18.78 1.21
C GLY A 227 9.44 17.43 1.92
N THR A 228 8.22 17.02 2.25
CA THR A 228 8.02 15.70 2.80
C THR A 228 8.38 14.64 1.78
N VAL A 229 9.07 13.61 2.24
CA VAL A 229 9.53 12.53 1.39
C VAL A 229 8.71 11.30 1.74
N VAL A 230 8.04 10.73 0.73
CA VAL A 230 7.10 9.61 0.92
C VAL A 230 7.43 8.44 -0.02
N GLY A 231 7.42 7.24 0.54
CA GLY A 231 7.50 6.02 -0.24
C GLY A 231 6.11 5.44 -0.53
N ASN A 232 5.99 4.89 -1.73
CA ASN A 232 4.74 4.31 -2.22
C ASN A 232 5.02 2.81 -2.41
N TYR A 233 4.16 1.97 -1.84
CA TYR A 233 4.41 0.54 -1.81
C TYR A 233 3.34 -0.29 -2.50
N SER A 234 3.72 -1.50 -2.86
CA SER A 234 2.91 -2.36 -3.73
C SER A 234 1.68 -2.96 -3.03
N ASN A 235 1.59 -2.76 -1.73
CA ASN A 235 0.38 -3.04 -0.95
C ASN A 235 -0.65 -1.90 -0.91
N GLU A 236 -0.47 -0.91 -1.78
CA GLU A 236 -1.31 0.29 -1.89
C GLU A 236 -1.30 1.18 -0.64
N GLN A 237 -0.17 1.10 0.09
CA GLN A 237 0.02 1.92 1.26
C GLN A 237 1.25 2.80 1.04
N GLU A 238 1.39 3.82 1.89
CA GLU A 238 2.49 4.77 1.81
C GLU A 238 3.13 4.92 3.19
N GLN A 239 4.38 5.38 3.21
CA GLN A 239 5.10 5.66 4.45
C GLN A 239 5.84 6.99 4.27
N VAL A 240 5.70 7.88 5.23
CA VAL A 240 6.57 9.06 5.30
C VAL A 240 7.98 8.65 5.69
N LEU A 241 8.98 9.17 4.99
CA LEU A 241 10.38 8.79 5.18
C LEU A 241 11.26 9.90 5.76
N GLY A 242 10.77 11.13 5.74
CA GLY A 242 11.53 12.28 6.20
C GLY A 242 10.95 13.54 5.65
N GLN A 243 11.55 14.68 5.99
CA GLN A 243 11.11 15.97 5.44
C GLN A 243 12.29 16.89 5.30
N ILE A 244 12.54 17.34 4.09
CA ILE A 244 13.68 18.16 3.74
C ILE A 244 13.55 19.47 4.52
N VAL A 245 14.68 19.95 5.03
CA VAL A 245 14.70 21.25 5.72
C VAL A 245 15.27 22.30 4.84
N LEU A 246 14.77 23.52 4.99
CA LEU A 246 15.36 24.67 4.33
C LEU A 246 16.01 25.57 5.38
N ALA A 247 16.99 26.35 4.92
CA ALA A 247 17.70 27.31 5.77
C ALA A 247 17.70 28.70 5.16
N ASN A 248 17.73 29.70 6.03
CA ASN A 248 17.79 31.09 5.62
C ASN A 248 18.84 31.75 6.48
N PHE A 249 19.48 32.81 5.98
CA PHE A 249 20.46 33.56 6.76
C PHE A 249 20.07 35.05 6.85
N ALA A 250 20.44 35.73 7.93
CA ALA A 250 20.24 37.19 8.03
C ALA A 250 21.03 37.93 6.95
N ASN A 251 22.21 37.43 6.62
CA ASN A 251 23.05 38.04 5.60
C ASN A 251 23.64 37.01 4.63
N ASN A 252 22.93 36.76 3.53
CA ASN A 252 23.39 35.85 2.50
C ASN A 252 24.71 36.30 1.88
N GLU A 253 24.94 37.61 1.81
CA GLU A 253 26.20 38.16 1.27
C GLU A 253 27.42 37.71 2.10
N GLY A 254 27.19 37.28 3.34
CA GLY A 254 28.24 36.84 4.24
C GLY A 254 28.65 35.39 4.09
N LEU A 255 27.91 34.63 3.29
CA LEU A 255 28.16 33.18 3.18
C LEU A 255 29.46 32.95 2.41
N ALA A 256 30.22 31.93 2.78
CA ALA A 256 31.50 31.59 2.13
C ALA A 256 31.27 30.63 0.97
N SER A 257 31.58 31.09 -0.24
CA SER A 257 31.41 30.23 -1.41
C SER A 257 32.40 29.06 -1.37
N GLN A 258 31.89 27.85 -1.57
CA GLN A 258 32.67 26.63 -1.53
C GLN A 258 32.93 26.12 -2.93
N GLY A 259 32.53 26.89 -3.92
CA GLY A 259 32.56 26.41 -5.28
C GLY A 259 31.29 25.65 -5.61
N ASP A 260 31.12 25.49 -6.91
CA ASP A 260 29.83 25.23 -7.46
C ASP A 260 28.90 26.32 -6.86
N ASN A 261 27.67 25.97 -6.59
CA ASN A 261 26.75 26.88 -5.96
C ASN A 261 26.48 26.36 -4.54
N VAL A 262 27.57 25.98 -3.86
CA VAL A 262 27.53 25.49 -2.46
C VAL A 262 28.19 26.50 -1.54
N TRP A 263 27.65 26.62 -0.32
CA TRP A 263 28.00 27.72 0.60
C TRP A 263 28.16 27.22 2.04
N ALA A 264 29.01 27.90 2.82
CA ALA A 264 29.18 27.59 4.24
C ALA A 264 28.79 28.81 5.07
N ALA A 265 28.21 28.60 6.26
CA ALA A 265 27.86 29.72 7.13
C ALA A 265 29.16 30.27 7.72
N THR A 266 29.12 31.56 8.04
CA THR A 266 30.24 32.29 8.64
C THR A 266 29.71 33.19 9.74
N GLN A 267 30.63 33.84 10.45
CA GLN A 267 30.22 34.83 11.43
C GLN A 267 29.49 35.97 10.73
N ALA A 268 29.91 36.29 9.52
CA ALA A 268 29.29 37.40 8.79
C ALA A 268 27.84 37.13 8.36
N SER A 269 27.53 35.87 8.02
CA SER A 269 26.20 35.50 7.50
C SER A 269 25.22 35.31 8.60
N GLY A 270 25.72 34.95 9.78
CA GLY A 270 24.89 34.53 10.88
C GLY A 270 24.68 33.03 10.82
N VAL A 271 24.08 32.49 11.86
CA VAL A 271 23.72 31.08 11.92
C VAL A 271 22.54 30.79 10.96
N ALA A 272 22.50 29.57 10.43
CA ALA A 272 21.33 29.13 9.68
C ALA A 272 20.11 29.07 10.57
N LEU A 273 19.01 29.60 10.06
CA LEU A 273 17.72 29.47 10.73
C LEU A 273 16.90 28.54 9.86
N LEU A 274 16.44 27.44 10.46
CA LEU A 274 15.85 26.34 9.71
C LEU A 274 14.32 26.38 9.72
N GLY A 275 13.72 25.81 8.68
CA GLY A 275 12.28 25.57 8.63
C GLY A 275 11.91 24.60 7.52
N THR A 276 10.65 24.63 7.08
CA THR A 276 10.22 23.80 5.96
C THR A 276 9.52 24.62 4.90
N ALA A 277 9.65 24.14 3.66
CA ALA A 277 8.95 24.69 2.51
C ALA A 277 7.44 24.69 2.76
N GLY A 278 6.84 25.87 2.56
CA GLY A 278 5.40 26.06 2.69
C GLY A 278 4.96 26.54 4.05
N SER A 279 5.92 26.85 4.91
CA SER A 279 5.66 27.31 6.28
C SER A 279 6.61 28.44 6.64
N GLY A 280 6.15 29.32 7.53
CA GLY A 280 6.97 30.40 8.04
C GLY A 280 7.70 31.16 6.94
N ASN A 281 9.02 31.18 7.08
CA ASN A 281 9.87 31.94 6.20
C ASN A 281 9.87 31.45 4.76
N PHE A 282 9.53 30.18 4.55
CA PHE A 282 9.70 29.57 3.26
C PHE A 282 8.42 29.22 2.51
N GLY A 283 8.40 29.60 1.25
CA GLY A 283 7.37 29.18 0.34
C GLY A 283 7.64 27.74 -0.07
N LYS A 284 6.63 27.16 -0.69
CA LYS A 284 6.69 25.80 -1.18
C LYS A 284 7.78 25.59 -2.22
N LEU A 285 8.18 24.34 -2.38
CA LEU A 285 9.03 23.92 -3.47
C LEU A 285 8.20 24.19 -4.72
N THR A 286 8.85 24.47 -5.84
CA THR A 286 8.10 24.85 -7.05
C THR A 286 7.22 23.70 -7.47
N ASN A 287 7.65 22.47 -7.20
CA ASN A 287 6.85 21.31 -7.61
C ASN A 287 7.03 20.08 -6.72
N GLY A 288 8.26 19.66 -6.58
CA GLY A 288 8.54 18.37 -5.97
C GLY A 288 9.03 17.42 -7.04
N ALA A 289 9.05 16.13 -6.73
CA ALA A 289 9.50 15.12 -7.68
C ALA A 289 8.93 13.77 -7.38
N LEU A 290 8.89 12.93 -8.39
CA LEU A 290 8.37 11.59 -8.29
C LEU A 290 9.27 10.67 -9.12
N GLU A 291 9.75 9.60 -8.50
CA GLU A 291 10.69 8.66 -9.12
C GLU A 291 10.31 7.23 -8.88
N ALA A 292 10.42 6.40 -9.90
CA ALA A 292 10.12 4.97 -9.74
C ALA A 292 11.34 4.27 -9.15
N SER A 293 11.15 3.24 -8.35
CA SER A 293 12.31 2.49 -7.83
C SER A 293 13.02 1.73 -8.95
#